data_3K26
#
_entry.id   3K26
#
_cell.length_a   57.920
_cell.length_b   85.310
_cell.length_c   91.390
_cell.angle_alpha   90.00
_cell.angle_beta   90.00
_cell.angle_gamma   90.00
#
_symmetry.space_group_name_H-M   'P 21 21 21'
#
loop_
_entity.id
_entity.type
_entity.pdbx_description
1 polymer 'Polycomb protein EED'
2 polymer 'HISTONE PEPTIDE'
3 water water
#
loop_
_entity_poly.entity_id
_entity_poly.type
_entity_poly.pdbx_seq_one_letter_code
_entity_poly.pdbx_strand_id
1 'polypeptide(L)'
;KKCKYSFKCVNSLKEDHNQPLFGVQFNWHSKEGDPLVFATVGSNRVTLYECHSQGEIRLLQSYVDADADENFYTCAWTYD
SNTSHPLLAVAGSRGIIRIINPITMQCIKHYVGHGNAINELKFHPRDPNLLLSVSKDHALRLWNIQTDTLVAIFGGVEGH
RDEVLSADYDLLGEKIMSCGMDHSLKLWRINSKRMMNAIKESYDYNPNKTNRPFISQKIHFPDFSTRDIHRNYVDCVRWL
GDLILSKSCENAIVCWKPGKMEDDIDKIKPSESNVTILGRFDYSQCDIWYMRFSMDFWQKMLALGNQVGKLYVWDLEVED
PHKAKCTTLTHHKCGAAIRQTSFSRDSSILIAVCDDASIWRWDRLR
;
A
2 'polypeptide(L)' ARTK(M3L)QTARKST B
#
# COMPACT_ATOMS: atom_id res chain seq x y z
N TYR A 5 -11.95 -15.66 -9.43
CA TYR A 5 -13.14 -15.92 -10.28
C TYR A 5 -12.87 -15.92 -11.83
N SER A 6 -13.95 -15.85 -12.66
CA SER A 6 -13.95 -16.00 -14.15
C SER A 6 -13.25 -14.81 -14.86
N PHE A 7 -12.03 -14.52 -14.41
CA PHE A 7 -11.24 -13.47 -15.13
C PHE A 7 -10.63 -13.98 -16.42
N LYS A 8 -10.65 -13.14 -17.47
CA LYS A 8 -9.86 -13.47 -18.61
C LYS A 8 -8.97 -12.35 -19.09
N CYS A 9 -7.84 -12.71 -19.65
CA CYS A 9 -6.88 -11.67 -20.04
C CYS A 9 -7.29 -11.03 -21.39
N VAL A 10 -7.52 -9.74 -21.38
CA VAL A 10 -8.09 -9.04 -22.50
C VAL A 10 -7.11 -8.10 -23.14
N ASN A 11 -6.01 -7.75 -22.50
CA ASN A 11 -4.99 -6.90 -23.17
C ASN A 11 -3.74 -6.86 -22.38
N SER A 12 -2.70 -6.34 -22.96
CA SER A 12 -1.47 -6.11 -22.25
C SER A 12 -0.72 -4.99 -23.01
N LEU A 13 0.23 -4.33 -22.36
CA LEU A 13 1.09 -3.43 -23.08
C LEU A 13 2.40 -3.29 -22.31
N LYS A 14 3.30 -2.51 -22.84
CA LYS A 14 4.58 -2.37 -22.15
C LYS A 14 4.99 -0.88 -22.19
N GLU A 15 5.46 -0.32 -21.10
CA GLU A 15 5.93 1.06 -21.09
C GLU A 15 7.36 1.17 -21.65
N ASP A 16 7.63 2.34 -22.21
CA ASP A 16 8.88 2.47 -23.05
C ASP A 16 10.17 2.53 -22.29
N HIS A 17 10.14 2.66 -20.97
CA HIS A 17 11.33 2.71 -20.18
C HIS A 17 12.01 1.36 -19.92
N ASN A 18 11.22 0.29 -20.05
CA ASN A 18 11.71 -1.10 -19.86
C ASN A 18 12.25 -1.36 -18.45
N GLN A 19 11.90 -0.55 -17.47
CA GLN A 19 12.32 -0.79 -16.08
C GLN A 19 11.13 -1.38 -15.29
N PRO A 20 11.36 -1.94 -14.08
CA PRO A 20 10.27 -2.58 -13.41
C PRO A 20 9.14 -1.56 -13.09
N LEU A 21 7.91 -2.02 -13.24
CA LEU A 21 6.78 -1.23 -12.71
C LEU A 21 6.56 -1.81 -11.33
N PHE A 22 6.83 -1.00 -10.29
CA PHE A 22 6.79 -1.48 -8.89
C PHE A 22 5.38 -1.33 -8.31
N GLY A 23 4.57 -0.45 -8.91
CA GLY A 23 3.29 -0.19 -8.35
C GLY A 23 2.16 0.07 -9.30
N VAL A 24 0.97 -0.38 -8.88
CA VAL A 24 -0.25 -0.04 -9.66
C VAL A 24 -1.42 0.23 -8.73
N GLN A 25 -2.22 1.26 -9.02
CA GLN A 25 -3.42 1.51 -8.20
C GLN A 25 -4.55 2.04 -9.09
N PHE A 26 -5.71 1.32 -9.06
CA PHE A 26 -6.93 2.01 -9.58
C PHE A 26 -7.29 3.13 -8.66
N ASN A 27 -7.89 4.18 -9.31
CA ASN A 27 -8.47 5.26 -8.56
C ASN A 27 -9.86 4.86 -8.04
N TRP A 28 -10.02 4.54 -6.73
CA TRP A 28 -11.35 4.22 -6.24
C TRP A 28 -12.17 5.46 -5.89
N HIS A 29 -11.64 6.64 -6.14
CA HIS A 29 -12.45 7.89 -5.96
C HIS A 29 -12.93 8.38 -7.36
N SER A 30 -12.91 7.52 -8.39
CA SER A 30 -13.30 8.00 -9.74
C SER A 30 -14.78 8.29 -9.75
N LYS A 31 -15.23 9.31 -10.52
CA LYS A 31 -16.62 9.79 -10.38
C LYS A 31 -17.61 8.89 -11.15
N GLU A 32 -18.87 8.85 -10.72
CA GLU A 32 -19.85 7.96 -11.37
C GLU A 32 -19.93 8.36 -12.81
N GLY A 33 -20.04 7.38 -13.70
CA GLY A 33 -20.17 7.70 -15.13
C GLY A 33 -18.82 7.88 -15.83
N ASP A 34 -17.72 8.13 -15.12
CA ASP A 34 -16.43 8.32 -15.79
C ASP A 34 -15.71 6.93 -15.92
N PRO A 35 -14.81 6.77 -16.91
CA PRO A 35 -14.13 5.51 -17.08
C PRO A 35 -13.24 5.20 -15.86
N LEU A 36 -12.96 3.92 -15.68
CA LEU A 36 -12.04 3.50 -14.66
C LEU A 36 -10.61 3.88 -15.04
N VAL A 37 -9.82 4.30 -14.05
CA VAL A 37 -8.49 4.86 -14.33
C VAL A 37 -7.55 4.25 -13.32
N PHE A 38 -6.36 3.86 -13.80
CA PHE A 38 -5.37 3.36 -12.88
C PHE A 38 -4.04 4.11 -13.17
N ALA A 39 -3.24 4.15 -12.10
CA ALA A 39 -1.84 4.68 -12.24
C ALA A 39 -0.82 3.56 -12.12
N THR A 40 0.30 3.71 -12.86
CA THR A 40 1.43 2.77 -12.67
C THR A 40 2.59 3.62 -12.23
N VAL A 41 3.58 2.99 -11.56
CA VAL A 41 4.80 3.77 -11.19
C VAL A 41 5.97 2.89 -11.47
N GLY A 42 6.98 3.52 -12.09
CA GLY A 42 8.26 2.80 -12.21
C GLY A 42 9.15 3.70 -13.01
N SER A 43 10.40 3.30 -13.07
CA SER A 43 11.44 4.25 -13.58
C SER A 43 11.29 5.54 -12.74
N ASN A 44 11.39 6.73 -13.36
CA ASN A 44 11.16 7.97 -12.67
C ASN A 44 9.81 8.57 -13.10
N ARG A 45 8.80 7.71 -13.28
CA ARG A 45 7.49 8.28 -13.76
C ARG A 45 6.29 7.62 -13.10
N VAL A 46 5.20 8.34 -13.21
CA VAL A 46 3.90 7.79 -12.89
C VAL A 46 3.06 8.03 -14.14
N THR A 47 2.24 7.02 -14.50
CA THR A 47 1.45 7.19 -15.77
C THR A 47 0.03 6.80 -15.46
N LEU A 48 -0.93 7.50 -16.07
CA LEU A 48 -2.36 7.13 -15.88
C LEU A 48 -2.87 6.51 -17.19
N TYR A 49 -3.77 5.57 -16.99
CA TYR A 49 -4.45 4.93 -18.15
C TYR A 49 -5.91 4.80 -17.86
N GLU A 50 -6.75 4.79 -18.91
CA GLU A 50 -8.18 4.57 -18.69
C GLU A 50 -8.61 3.28 -19.32
N CYS A 51 -9.46 2.49 -18.64
CA CYS A 51 -9.93 1.18 -19.17
C CYS A 51 -11.22 1.43 -19.98
N HIS A 52 -11.21 0.89 -21.20
CA HIS A 52 -12.34 0.95 -22.06
C HIS A 52 -12.77 -0.41 -22.55
N SER A 53 -13.86 -0.40 -23.36
CA SER A 53 -14.40 -1.66 -23.85
C SER A 53 -13.45 -2.34 -24.79
N GLN A 54 -13.70 -3.63 -25.05
CA GLN A 54 -12.86 -4.47 -25.88
C GLN A 54 -11.46 -4.50 -25.42
N GLY A 55 -11.28 -4.41 -24.10
CA GLY A 55 -9.99 -4.58 -23.53
C GLY A 55 -9.10 -3.30 -23.67
N GLU A 56 -9.60 -2.23 -24.27
CA GLU A 56 -8.68 -1.12 -24.56
C GLU A 56 -8.09 -0.51 -23.26
N ILE A 57 -6.77 -0.23 -23.26
CA ILE A 57 -6.10 0.50 -22.14
C ILE A 57 -5.64 1.78 -22.80
N ARG A 58 -6.35 2.87 -22.54
CA ARG A 58 -5.98 4.15 -23.21
C ARG A 58 -4.97 4.98 -22.40
N LEU A 59 -3.83 5.23 -23.02
CA LEU A 59 -2.76 6.04 -22.38
C LEU A 59 -3.14 7.47 -22.26
N LEU A 60 -2.98 8.04 -21.06
CA LEU A 60 -3.37 9.48 -20.89
C LEU A 60 -2.10 10.31 -20.84
N GLN A 61 -1.48 10.44 -19.66
CA GLN A 61 -0.34 11.38 -19.54
C GLN A 61 0.48 10.93 -18.32
N SER A 62 1.75 11.21 -18.33
CA SER A 62 2.66 10.88 -17.24
C SER A 62 3.17 12.11 -16.54
N TYR A 63 3.60 11.92 -15.27
CA TYR A 63 4.45 12.87 -14.60
C TYR A 63 5.85 12.21 -14.60
N VAL A 64 6.87 12.94 -15.08
CA VAL A 64 8.26 12.39 -15.09
C VAL A 64 9.07 13.31 -14.18
N ASP A 65 9.79 12.72 -13.21
CA ASP A 65 10.54 13.55 -12.27
C ASP A 65 11.71 14.26 -12.96
N ALA A 66 12.02 15.45 -12.46
CA ALA A 66 13.21 16.17 -12.98
C ALA A 66 14.50 15.38 -12.83
N ASP A 67 14.58 14.54 -11.80
CA ASP A 67 15.78 13.75 -11.59
C ASP A 67 15.69 12.46 -12.36
N ALA A 68 16.60 12.26 -13.31
CA ALA A 68 16.63 11.01 -14.08
C ALA A 68 16.90 9.81 -13.15
N ASP A 69 17.48 10.07 -11.99
CA ASP A 69 17.82 8.98 -11.06
C ASP A 69 16.75 8.67 -9.98
N GLU A 70 15.68 9.47 -9.96
CA GLU A 70 14.53 9.09 -9.07
C GLU A 70 14.03 7.74 -9.53
N ASN A 71 13.51 6.90 -8.60
CA ASN A 71 12.81 5.74 -9.00
C ASN A 71 11.53 5.68 -8.15
N PHE A 72 10.34 5.88 -8.73
CA PHE A 72 9.17 5.86 -7.89
C PHE A 72 8.86 4.37 -7.62
N TYR A 73 8.41 4.13 -6.40
CA TYR A 73 8.16 2.76 -5.98
C TYR A 73 6.65 2.54 -5.67
N THR A 74 5.91 3.61 -5.34
CA THR A 74 4.62 3.39 -4.76
C THR A 74 3.75 4.59 -5.16
N CYS A 75 2.46 4.38 -5.16
CA CYS A 75 1.55 5.49 -5.29
C CYS A 75 0.27 5.21 -4.53
N ALA A 76 -0.53 6.24 -4.26
CA ALA A 76 -1.80 6.05 -3.49
C ALA A 76 -2.72 7.19 -3.90
N TRP A 77 -4.01 6.87 -4.06
CA TRP A 77 -5.01 7.98 -4.40
C TRP A 77 -5.74 8.47 -3.19
N THR A 78 -6.03 9.76 -3.25
CA THR A 78 -6.98 10.31 -2.31
C THR A 78 -7.80 11.36 -3.09
N TYR A 79 -8.48 12.24 -2.38
CA TYR A 79 -9.16 13.38 -3.02
C TYR A 79 -8.93 14.63 -2.21
N ASP A 80 -9.13 15.76 -2.84
CA ASP A 80 -9.06 17.01 -2.13
C ASP A 80 -10.32 17.16 -1.26
N SER A 81 -10.18 17.37 0.04
CA SER A 81 -11.36 17.32 0.94
C SER A 81 -12.30 18.51 0.76
N ASN A 82 -11.85 19.59 0.11
CA ASN A 82 -12.80 20.70 -0.21
C ASN A 82 -13.40 20.60 -1.58
N THR A 83 -12.70 20.14 -2.60
CA THR A 83 -13.22 20.21 -3.95
C THR A 83 -13.67 18.88 -4.45
N SER A 84 -13.31 17.79 -3.77
CA SER A 84 -13.58 16.40 -4.26
C SER A 84 -12.70 15.87 -5.39
N HIS A 85 -11.87 16.76 -5.95
CA HIS A 85 -11.09 16.24 -7.05
C HIS A 85 -10.07 15.22 -6.58
N PRO A 86 -9.90 14.12 -7.34
CA PRO A 86 -8.88 13.14 -6.98
C PRO A 86 -7.44 13.73 -7.04
N LEU A 87 -6.58 13.17 -6.17
CA LEU A 87 -5.20 13.56 -6.04
C LEU A 87 -4.41 12.24 -6.06
N LEU A 88 -3.15 12.26 -6.51
CA LEU A 88 -2.38 11.03 -6.51
C LEU A 88 -1.05 11.34 -5.81
N ALA A 89 -0.72 10.58 -4.77
CA ALA A 89 0.57 10.75 -4.09
C ALA A 89 1.54 9.71 -4.67
N VAL A 90 2.82 10.06 -4.90
CA VAL A 90 3.80 9.09 -5.38
C VAL A 90 5.11 9.30 -4.64
N ALA A 91 5.90 8.26 -4.48
CA ALA A 91 7.19 8.43 -3.80
C ALA A 91 8.08 7.27 -4.18
N GLY A 92 9.37 7.43 -3.84
CA GLY A 92 10.28 6.32 -4.06
C GLY A 92 11.68 6.60 -3.53
N SER A 93 12.69 6.37 -4.38
CA SER A 93 14.07 6.30 -3.82
C SER A 93 14.53 7.64 -3.31
N ARG A 94 14.09 8.75 -3.91
CA ARG A 94 14.58 10.03 -3.40
C ARG A 94 14.03 10.41 -2.01
N GLY A 95 12.95 9.77 -1.56
CA GLY A 95 12.39 10.06 -0.24
C GLY A 95 11.56 11.31 -0.29
N ILE A 96 11.02 11.66 -1.46
CA ILE A 96 10.19 12.82 -1.59
C ILE A 96 8.78 12.37 -1.95
N ILE A 97 7.80 12.83 -1.22
CA ILE A 97 6.40 12.48 -1.55
C ILE A 97 5.89 13.61 -2.45
N ARG A 98 5.39 13.23 -3.62
CA ARG A 98 4.81 14.25 -4.50
C ARG A 98 3.28 14.11 -4.50
N ILE A 99 2.55 15.23 -4.43
CA ILE A 99 1.11 15.15 -4.57
C ILE A 99 0.88 15.68 -5.97
N ILE A 100 0.29 14.87 -6.81
CA ILE A 100 0.13 15.14 -8.31
C ILE A 100 -1.35 15.38 -8.54
N ASN A 101 -1.70 16.46 -9.30
CA ASN A 101 -3.03 16.65 -9.87
C ASN A 101 -3.16 15.70 -11.06
N PRO A 102 -4.03 14.67 -10.97
CA PRO A 102 -4.00 13.64 -12.05
C PRO A 102 -4.54 14.19 -13.35
N ILE A 103 -5.29 15.29 -13.33
CA ILE A 103 -5.84 15.86 -14.58
C ILE A 103 -4.70 16.36 -15.44
N THR A 104 -3.90 17.24 -14.88
CA THR A 104 -2.84 17.87 -15.69
C THR A 104 -1.46 17.24 -15.44
N MET A 105 -1.35 16.35 -14.43
CA MET A 105 -0.08 15.77 -13.99
C MET A 105 0.91 16.79 -13.42
N GLN A 106 0.44 17.94 -12.99
CA GLN A 106 1.30 18.86 -12.26
C GLN A 106 1.54 18.37 -10.87
N CYS A 107 2.75 18.64 -10.40
CA CYS A 107 3.09 18.31 -8.99
C CYS A 107 2.64 19.52 -8.18
N ILE A 108 1.62 19.32 -7.39
CA ILE A 108 1.03 20.47 -6.66
C ILE A 108 1.92 20.89 -5.50
N LYS A 109 2.46 19.90 -4.80
CA LYS A 109 3.39 20.14 -3.70
C LYS A 109 4.11 18.89 -3.31
N HIS A 110 5.14 19.00 -2.45
CA HIS A 110 5.91 17.83 -2.12
C HIS A 110 6.35 17.91 -0.67
N TYR A 111 6.63 16.74 -0.14
CA TYR A 111 7.05 16.67 1.28
C TYR A 111 8.37 15.94 1.38
N VAL A 112 9.21 16.35 2.31
CA VAL A 112 10.46 15.61 2.49
C VAL A 112 10.52 15.38 3.99
N GLY A 113 10.88 14.18 4.43
CA GLY A 113 11.30 14.13 5.81
C GLY A 113 12.28 13.04 5.84
N HIS A 114 11.90 11.95 5.15
CA HIS A 114 12.55 10.63 5.31
C HIS A 114 13.99 10.91 4.85
N GLY A 115 14.24 12.06 4.07
CA GLY A 115 15.14 12.21 2.81
C GLY A 115 15.57 10.84 2.16
N ASN A 116 15.20 9.77 2.88
CA ASN A 116 15.58 8.38 2.65
C ASN A 116 14.42 7.66 1.95
N ALA A 117 14.76 6.61 1.21
CA ALA A 117 13.70 6.02 0.21
C ALA A 117 12.38 5.71 0.93
N ILE A 118 11.26 5.90 0.19
CA ILE A 118 9.95 5.57 0.69
C ILE A 118 9.50 4.34 -0.05
N ASN A 119 9.08 3.35 0.75
CA ASN A 119 8.72 2.04 0.16
C ASN A 119 7.22 1.84 0.04
N GLU A 120 6.30 2.59 0.83
N GLU A 120 6.39 2.60 0.76
CA GLU A 120 4.78 2.28 0.66
CA GLU A 120 4.93 2.49 0.68
C GLU A 120 4.42 3.70 1.25
C GLU A 120 4.29 3.74 1.19
N LEU A 121 3.15 4.09 0.50
CA LEU A 121 2.22 5.18 0.90
C LEU A 121 0.89 4.61 1.11
N LYS A 122 0.17 5.06 2.12
CA LYS A 122 -1.26 4.59 2.31
C LYS A 122 -2.03 5.79 2.87
N PHE A 123 -3.23 5.99 2.33
CA PHE A 123 -4.12 7.02 2.94
C PHE A 123 -5.05 6.39 3.96
N HIS A 124 -5.38 7.20 4.93
CA HIS A 124 -6.29 6.82 6.06
C HIS A 124 -7.67 6.46 5.43
N PRO A 125 -8.33 5.42 5.97
CA PRO A 125 -9.61 5.02 5.29
C PRO A 125 -10.74 6.00 5.61
N ARG A 126 -10.65 6.89 6.56
CA ARG A 126 -11.75 7.82 6.79
C ARG A 126 -11.39 9.26 6.55
N ASP A 127 -10.10 9.55 6.48
CA ASP A 127 -9.72 10.98 6.38
C ASP A 127 -8.79 11.11 5.25
N PRO A 128 -9.22 11.70 4.13
CA PRO A 128 -8.45 11.71 2.92
C PRO A 128 -7.17 12.54 3.07
N ASN A 129 -7.05 13.37 4.12
CA ASN A 129 -5.81 14.15 4.30
C ASN A 129 -4.69 13.42 5.02
N LEU A 130 -4.94 12.25 5.63
CA LEU A 130 -3.87 11.63 6.49
C LEU A 130 -3.12 10.58 5.69
N LEU A 131 -1.84 10.85 5.42
CA LEU A 131 -1.05 9.99 4.55
C LEU A 131 0.03 9.39 5.37
N LEU A 132 0.20 8.07 5.23
CA LEU A 132 1.26 7.36 5.99
C LEU A 132 2.31 6.95 4.98
N SER A 133 3.57 7.23 5.32
CA SER A 133 4.71 6.80 4.51
C SER A 133 5.58 5.86 5.33
N VAL A 134 6.14 4.87 4.68
CA VAL A 134 7.08 3.99 5.39
C VAL A 134 8.40 4.03 4.64
N SER A 135 9.50 4.01 5.40
CA SER A 135 10.81 4.32 4.84
C SER A 135 11.94 3.31 5.08
N LYS A 136 12.88 3.36 4.16
CA LYS A 136 14.16 2.75 4.31
C LYS A 136 14.89 3.21 5.52
N ASP A 137 14.53 4.36 6.10
CA ASP A 137 15.21 4.89 7.32
C ASP A 137 14.66 4.28 8.61
N HIS A 138 13.80 3.27 8.50
CA HIS A 138 13.28 2.47 9.59
C HIS A 138 12.06 3.06 10.24
N ALA A 139 11.58 4.19 9.78
CA ALA A 139 10.44 4.88 10.42
C ALA A 139 9.21 4.91 9.55
N LEU A 140 8.06 5.09 10.20
CA LEU A 140 6.84 5.44 9.44
C LEU A 140 6.59 6.91 9.82
N ARG A 141 5.92 7.64 8.91
CA ARG A 141 5.58 9.02 9.17
C ARG A 141 4.12 9.27 8.78
N LEU A 142 3.42 10.02 9.61
CA LEU A 142 1.99 10.34 9.32
C LEU A 142 1.98 11.87 9.00
N TRP A 143 1.47 12.16 7.82
CA TRP A 143 1.38 13.58 7.35
C TRP A 143 -0.07 14.02 7.19
N ASN A 144 -0.30 15.31 7.42
CA ASN A 144 -1.63 15.87 7.14
C ASN A 144 -1.44 16.76 5.89
N ILE A 145 -2.01 16.33 4.77
CA ILE A 145 -1.75 17.04 3.49
C ILE A 145 -2.75 18.17 3.26
N GLN A 146 -3.56 18.46 4.25
CA GLN A 146 -4.42 19.68 4.18
C GLN A 146 -3.60 20.83 4.74
N THR A 147 -2.99 20.64 5.89
CA THR A 147 -2.15 21.70 6.49
C THR A 147 -0.65 21.57 6.28
N ASP A 148 -0.22 20.56 5.48
CA ASP A 148 1.20 20.35 5.13
C ASP A 148 2.06 20.11 6.39
N THR A 149 1.54 19.30 7.32
CA THR A 149 2.21 19.07 8.65
C THR A 149 2.63 17.58 8.77
N LEU A 150 3.76 17.38 9.46
CA LEU A 150 4.16 16.06 9.90
C LEU A 150 3.59 15.81 11.25
N VAL A 151 2.60 14.97 11.29
CA VAL A 151 1.89 14.71 12.53
C VAL A 151 2.66 13.88 13.51
N ALA A 152 3.29 12.85 13.00
CA ALA A 152 3.97 11.95 13.94
C ALA A 152 5.01 11.10 13.15
N ILE A 153 6.06 10.70 13.88
CA ILE A 153 7.11 9.76 13.36
C ILE A 153 7.04 8.54 14.26
N PHE A 154 6.99 7.36 13.66
CA PHE A 154 6.90 6.08 14.46
C PHE A 154 8.22 5.36 14.26
N GLY A 155 9.00 5.32 15.32
CA GLY A 155 10.38 4.84 15.19
C GLY A 155 10.95 4.49 16.55
N GLY A 156 12.19 4.89 16.77
CA GLY A 156 12.89 4.60 18.06
C GLY A 156 13.53 3.23 18.07
N VAL A 157 14.34 2.91 19.10
CA VAL A 157 14.98 1.57 19.00
C VAL A 157 14.01 0.40 19.21
N GLU A 158 12.81 0.67 19.78
CA GLU A 158 11.74 -0.36 19.91
C GLU A 158 10.81 -0.37 18.68
N GLY A 159 11.04 0.57 17.77
CA GLY A 159 10.42 0.53 16.40
C GLY A 159 11.19 -0.39 15.53
N HIS A 160 10.96 -0.30 14.21
CA HIS A 160 11.71 -1.14 13.29
C HIS A 160 13.22 -0.84 13.27
N ARG A 161 13.94 -1.95 13.08
CA ARG A 161 15.44 -1.91 13.11
C ARG A 161 16.05 -2.08 11.76
N ASP A 162 15.21 -2.06 10.70
CA ASP A 162 15.67 -2.14 9.34
C ASP A 162 14.53 -1.53 8.48
N GLU A 163 14.73 -1.48 7.20
CA GLU A 163 13.73 -0.85 6.32
C GLU A 163 12.33 -1.25 6.60
N VAL A 164 11.43 -0.27 6.60
CA VAL A 164 10.02 -0.65 6.67
C VAL A 164 9.50 -0.77 5.23
N LEU A 165 8.81 -1.90 4.97
CA LEU A 165 8.40 -2.27 3.62
C LEU A 165 6.97 -2.04 3.33
N SER A 166 6.09 -2.19 4.34
CA SER A 166 4.65 -2.03 4.07
C SER A 166 4.01 -1.56 5.37
N ALA A 167 2.76 -1.07 5.25
CA ALA A 167 1.94 -0.89 6.42
C ALA A 167 0.50 -0.76 5.94
N ASP A 168 -0.41 -0.84 6.90
CA ASP A 168 -1.85 -0.75 6.57
C ASP A 168 -2.64 -0.25 7.77
N TYR A 169 -3.62 0.62 7.52
CA TYR A 169 -4.54 1.06 8.57
C TYR A 169 -5.62 0.00 8.69
N ASP A 170 -6.17 -0.18 9.90
CA ASP A 170 -7.37 -1.03 10.06
C ASP A 170 -8.59 -0.33 9.46
N LEU A 171 -9.76 -0.97 9.61
CA LEU A 171 -10.95 -0.51 8.89
C LEU A 171 -11.27 0.95 9.21
N LEU A 172 -11.24 1.32 10.49
CA LEU A 172 -11.58 2.70 10.88
C LEU A 172 -10.41 3.62 11.04
N GLY A 173 -9.25 3.16 10.74
CA GLY A 173 -8.07 4.03 10.86
C GLY A 173 -7.72 4.35 12.32
N GLU A 174 -7.96 3.39 13.21
CA GLU A 174 -7.60 3.50 14.65
C GLU A 174 -6.20 3.01 14.92
N LYS A 175 -5.70 2.16 14.04
CA LYS A 175 -4.39 1.56 14.31
C LYS A 175 -3.77 1.16 12.98
N ILE A 176 -2.44 1.06 13.00
CA ILE A 176 -1.64 0.71 11.79
C ILE A 176 -0.83 -0.55 12.15
N MET A 177 -0.76 -1.46 11.20
CA MET A 177 0.26 -2.58 11.33
C MET A 177 1.30 -2.29 10.31
N SER A 178 2.57 -2.39 10.70
CA SER A 178 3.70 -2.09 9.77
C SER A 178 4.58 -3.36 9.74
N CYS A 179 5.40 -3.48 8.74
CA CYS A 179 6.30 -4.65 8.66
C CYS A 179 7.54 -4.32 7.83
N GLY A 180 8.58 -5.11 8.03
CA GLY A 180 9.73 -4.81 7.19
C GLY A 180 10.88 -5.85 7.21
N MET A 181 12.07 -5.36 6.91
CA MET A 181 13.22 -6.22 6.69
C MET A 181 13.75 -6.76 8.00
N ASP A 182 13.28 -6.26 9.14
CA ASP A 182 13.74 -6.85 10.42
C ASP A 182 12.90 -8.11 10.78
N HIS A 183 12.04 -8.55 9.82
CA HIS A 183 11.14 -9.73 9.97
C HIS A 183 9.98 -9.47 10.89
N SER A 184 9.82 -8.25 11.41
CA SER A 184 8.76 -8.04 12.37
C SER A 184 7.52 -7.34 11.81
N LEU A 185 6.42 -7.59 12.51
CA LEU A 185 5.14 -6.85 12.33
C LEU A 185 4.85 -6.11 13.60
N LYS A 186 4.62 -4.78 13.51
CA LYS A 186 4.40 -3.90 14.64
C LYS A 186 3.07 -3.17 14.57
N LEU A 187 2.39 -3.07 15.69
CA LEU A 187 1.09 -2.39 15.76
C LEU A 187 1.34 -1.01 16.34
N TRP A 188 0.68 0.02 15.78
CA TRP A 188 0.81 1.39 16.33
C TRP A 188 -0.61 1.88 16.39
N ARG A 189 -1.07 2.12 17.63
CA ARG A 189 -2.43 2.69 17.77
C ARG A 189 -2.44 4.21 17.53
N ILE A 190 -3.37 4.71 16.71
CA ILE A 190 -3.43 6.17 16.53
C ILE A 190 -4.78 6.73 16.99
N ASN A 191 -5.45 5.96 17.82
CA ASN A 191 -6.61 6.48 18.50
C ASN A 191 -6.31 6.72 19.96
N SER A 192 -5.02 6.76 20.30
CA SER A 192 -4.71 7.19 21.70
C SER A 192 -5.06 8.63 21.93
N LYS A 193 -5.23 9.04 23.20
CA LYS A 193 -5.53 10.47 23.42
C LYS A 193 -4.42 11.37 22.82
N ARG A 194 -3.16 10.90 22.90
CA ARG A 194 -2.03 11.69 22.42
C ARG A 194 -2.13 11.82 20.90
N MET A 195 -2.46 10.72 20.19
CA MET A 195 -2.42 10.86 18.71
C MET A 195 -3.69 11.53 18.25
N MET A 196 -4.87 11.35 18.92
CA MET A 196 -6.07 12.03 18.43
C MET A 196 -5.90 13.55 18.61
N ASN A 197 -5.21 13.93 19.68
CA ASN A 197 -4.97 15.39 19.96
C ASN A 197 -3.96 15.90 18.95
N ALA A 198 -2.96 15.09 18.61
CA ALA A 198 -1.94 15.54 17.63
C ALA A 198 -2.65 15.79 16.27
N ILE A 199 -3.52 14.86 15.86
CA ILE A 199 -4.25 15.06 14.57
C ILE A 199 -5.09 16.35 14.63
N LYS A 200 -5.81 16.57 15.74
CA LYS A 200 -6.63 17.75 15.88
C LYS A 200 -5.76 19.02 15.80
N GLU A 201 -4.66 19.00 16.53
CA GLU A 201 -3.76 20.17 16.41
C GLU A 201 -3.19 20.37 15.00
N SER A 202 -2.94 19.27 14.27
CA SER A 202 -2.41 19.46 12.90
C SER A 202 -3.40 20.21 12.04
N TYR A 203 -4.66 19.98 12.29
CA TYR A 203 -5.71 20.69 11.51
C TYR A 203 -5.82 22.13 11.95
N ASP A 204 -5.40 22.41 13.18
CA ASP A 204 -5.42 23.81 13.68
C ASP A 204 -4.22 24.63 13.28
N TYR A 205 -3.23 24.01 12.67
CA TYR A 205 -1.95 24.70 12.35
C TYR A 205 -2.00 25.46 11.04
N ASN A 206 -1.71 26.76 11.13
CA ASN A 206 -1.54 27.57 9.92
C ASN A 206 -0.30 28.46 10.14
N PRO A 207 0.76 28.19 9.46
CA PRO A 207 2.04 28.86 9.80
C PRO A 207 1.94 30.37 9.52
N ASN A 208 0.91 30.81 8.83
CA ASN A 208 0.74 32.27 8.59
C ASN A 208 0.12 32.93 9.75
N LYS A 209 -0.45 32.17 10.68
CA LYS A 209 -1.16 32.81 11.76
C LYS A 209 -0.50 32.60 13.09
N THR A 210 0.69 32.01 13.09
CA THR A 210 1.35 31.78 14.39
C THR A 210 2.85 31.86 14.23
N ASN A 211 3.61 31.78 15.33
CA ASN A 211 5.09 31.82 15.18
C ASN A 211 5.70 30.44 15.40
N ARG A 212 4.96 29.50 15.98
CA ARG A 212 5.58 28.22 16.32
C ARG A 212 5.70 27.31 15.08
N PRO A 213 6.70 26.47 15.07
CA PRO A 213 6.79 25.35 14.13
C PRO A 213 5.72 24.35 14.60
N PHE A 214 5.25 23.49 13.72
CA PHE A 214 4.35 22.46 14.23
C PHE A 214 5.15 21.32 14.87
N ILE A 215 4.78 20.90 16.05
CA ILE A 215 5.63 19.85 16.70
C ILE A 215 5.09 18.48 16.31
N SER A 216 5.96 17.65 15.77
CA SER A 216 5.55 16.19 15.52
C SER A 216 5.65 15.31 16.75
N GLN A 217 4.69 14.37 16.90
CA GLN A 217 4.87 13.36 17.97
C GLN A 217 6.03 12.45 17.59
N LYS A 218 6.83 12.02 18.58
CA LYS A 218 7.82 10.95 18.31
C LYS A 218 7.20 9.75 19.05
N ILE A 219 6.76 8.73 18.29
CA ILE A 219 6.15 7.56 18.89
C ILE A 219 7.14 6.44 18.86
N HIS A 220 7.73 6.12 20.02
CA HIS A 220 8.89 5.17 19.96
C HIS A 220 8.61 3.78 20.51
N PHE A 221 7.34 3.48 20.79
CA PHE A 221 6.98 2.16 21.33
C PHE A 221 5.72 1.68 20.59
N PRO A 222 5.90 0.57 19.89
CA PRO A 222 4.68 -0.04 19.30
C PRO A 222 3.80 -0.67 20.38
N ASP A 223 2.51 -0.82 20.03
CA ASP A 223 1.50 -1.42 20.93
C ASP A 223 1.51 -2.95 20.90
N PHE A 224 2.27 -3.53 19.97
CA PHE A 224 2.46 -4.97 19.88
C PHE A 224 3.57 -5.16 18.86
N SER A 225 4.36 -6.26 18.99
CA SER A 225 5.37 -6.61 18.03
C SER A 225 5.57 -8.12 18.00
N THR A 226 5.75 -8.63 16.81
CA THR A 226 6.10 -10.06 16.70
C THR A 226 7.08 -10.25 15.60
N ARG A 227 7.96 -11.28 15.82
CA ARG A 227 8.84 -11.79 14.72
C ARG A 227 8.54 -13.26 14.56
N ASP A 228 7.38 -13.72 15.00
CA ASP A 228 7.10 -15.15 14.99
C ASP A 228 6.27 -15.61 13.82
N ILE A 229 5.95 -14.73 12.88
CA ILE A 229 5.06 -15.17 11.77
C ILE A 229 5.90 -15.58 10.58
N HIS A 230 6.94 -14.83 10.21
CA HIS A 230 7.70 -15.12 8.99
C HIS A 230 9.19 -15.25 9.43
N ARG A 231 10.05 -15.77 8.56
CA ARG A 231 11.45 -15.88 8.90
C ARG A 231 12.30 -15.18 7.86
N ASN A 232 11.75 -14.13 7.21
CA ASN A 232 12.54 -13.34 6.29
C ASN A 232 11.83 -11.97 6.13
N TYR A 233 12.27 -11.16 5.18
CA TYR A 233 11.74 -9.79 5.08
C TYR A 233 10.19 -9.80 4.93
N VAL A 234 9.43 -8.98 5.70
CA VAL A 234 7.97 -9.04 5.58
C VAL A 234 7.60 -7.89 4.68
N ASP A 235 7.13 -8.20 3.48
CA ASP A 235 7.00 -7.14 2.47
C ASP A 235 5.61 -6.70 2.05
N CYS A 236 4.59 -7.28 2.69
CA CYS A 236 3.20 -6.75 2.46
C CYS A 236 2.33 -7.18 3.63
N VAL A 237 1.47 -6.25 4.11
CA VAL A 237 0.58 -6.50 5.23
C VAL A 237 -0.74 -5.86 4.93
N ARG A 238 -1.83 -6.51 5.34
CA ARG A 238 -3.21 -5.92 5.22
C ARG A 238 -4.02 -6.43 6.35
N TRP A 239 -4.82 -5.56 6.95
CA TRP A 239 -5.84 -6.00 7.94
C TRP A 239 -6.97 -6.68 7.24
N LEU A 240 -7.53 -7.71 7.87
CA LEU A 240 -8.81 -8.32 7.36
C LEU A 240 -9.71 -8.31 8.60
N GLY A 241 -10.45 -7.23 8.85
CA GLY A 241 -11.19 -7.02 10.14
C GLY A 241 -10.15 -6.91 11.25
N ASP A 242 -10.22 -7.77 12.26
CA ASP A 242 -9.26 -7.72 13.35
C ASP A 242 -8.06 -8.73 13.14
N LEU A 243 -8.07 -9.46 12.02
CA LEU A 243 -6.99 -10.40 11.71
C LEU A 243 -6.01 -9.68 10.77
N ILE A 244 -4.88 -10.29 10.57
CA ILE A 244 -3.84 -9.76 9.70
C ILE A 244 -3.51 -10.78 8.61
N LEU A 245 -3.31 -10.26 7.39
CA LEU A 245 -2.70 -11.04 6.32
C LEU A 245 -1.31 -10.46 6.04
N SER A 246 -0.27 -11.29 6.07
CA SER A 246 1.03 -10.76 5.79
C SER A 246 1.86 -11.79 4.99
N LYS A 247 2.81 -11.30 4.24
CA LYS A 247 3.71 -12.24 3.55
C LYS A 247 5.11 -11.82 3.64
N SER A 248 5.94 -12.82 3.41
CA SER A 248 7.37 -12.65 3.23
C SER A 248 7.70 -13.25 1.89
N CYS A 249 8.96 -13.59 1.67
CA CYS A 249 9.38 -14.19 0.39
C CYS A 249 9.54 -15.70 0.56
N GLU A 250 8.65 -16.32 1.32
CA GLU A 250 8.67 -17.79 1.65
C GLU A 250 7.47 -18.51 1.06
N ASN A 251 6.89 -17.90 0.03
CA ASN A 251 5.80 -18.53 -0.79
C ASN A 251 4.57 -18.79 0.07
N ALA A 252 4.25 -17.83 0.97
CA ALA A 252 3.05 -17.98 1.78
C ALA A 252 2.52 -16.60 2.22
N ILE A 253 1.21 -16.49 2.26
CA ILE A 253 0.47 -15.37 2.94
C ILE A 253 -0.09 -16.00 4.22
N VAL A 254 0.33 -15.50 5.38
CA VAL A 254 -0.15 -16.10 6.67
C VAL A 254 -1.29 -15.20 7.17
N CYS A 255 -2.39 -15.84 7.62
CA CYS A 255 -3.43 -15.12 8.32
C CYS A 255 -3.32 -15.32 9.81
N TRP A 256 -3.15 -14.24 10.62
CA TRP A 256 -2.84 -14.46 12.03
C TRP A 256 -3.46 -13.33 12.85
N LYS A 257 -3.38 -13.47 14.17
CA LYS A 257 -3.78 -12.32 15.00
C LYS A 257 -2.83 -12.27 16.18
N PRO A 258 -2.70 -11.08 16.81
CA PRO A 258 -2.01 -11.00 18.08
C PRO A 258 -2.77 -11.72 19.18
N GLY A 259 -2.00 -12.29 20.08
CA GLY A 259 -2.58 -12.88 21.22
C GLY A 259 -3.10 -14.28 20.99
N LYS A 260 -3.89 -14.77 21.96
CA LYS A 260 -4.47 -16.10 21.83
C LYS A 260 -5.78 -16.04 21.09
N MET A 261 -6.34 -17.20 20.81
CA MET A 261 -7.47 -17.22 19.90
C MET A 261 -8.64 -16.29 20.30
N GLU A 262 -8.93 -16.23 21.58
CA GLU A 262 -10.07 -15.47 22.00
C GLU A 262 -9.71 -14.06 22.44
N ASP A 263 -8.45 -13.64 22.30
CA ASP A 263 -8.02 -12.30 22.72
C ASP A 263 -8.56 -11.22 21.77
N ASP A 264 -9.28 -10.26 22.30
CA ASP A 264 -9.77 -9.08 21.53
C ASP A 264 -8.56 -8.17 21.18
N ILE A 265 -8.46 -7.75 19.90
CA ILE A 265 -7.30 -6.92 19.45
C ILE A 265 -7.17 -5.63 20.28
N ASP A 266 -8.27 -5.08 20.78
CA ASP A 266 -8.14 -3.85 21.55
C ASP A 266 -7.80 -4.02 23.02
N LYS A 267 -7.62 -5.27 23.45
CA LYS A 267 -7.16 -5.55 24.81
C LYS A 267 -5.70 -6.09 24.82
N ILE A 268 -5.10 -6.20 23.63
CA ILE A 268 -3.72 -6.68 23.50
C ILE A 268 -2.82 -5.59 24.10
N LYS A 269 -1.92 -6.05 24.94
CA LYS A 269 -0.97 -5.13 25.57
C LYS A 269 0.38 -5.20 24.89
N PRO A 270 1.22 -4.17 25.11
CA PRO A 270 2.41 -4.14 24.34
C PRO A 270 3.35 -5.27 24.61
N SER A 271 3.28 -5.88 25.82
CA SER A 271 4.14 -7.03 26.20
C SER A 271 3.62 -8.40 25.65
N GLU A 272 2.47 -8.38 24.96
CA GLU A 272 1.85 -9.65 24.46
C GLU A 272 2.92 -10.51 23.69
N SER A 273 3.09 -11.77 24.11
CA SER A 273 4.12 -12.53 23.49
C SER A 273 3.57 -13.63 22.57
N ASN A 274 2.26 -13.83 22.53
CA ASN A 274 1.70 -14.91 21.67
C ASN A 274 1.03 -14.35 20.37
N VAL A 275 0.98 -15.21 19.35
CA VAL A 275 0.22 -14.98 18.14
C VAL A 275 -0.61 -16.24 17.88
N THR A 276 -1.69 -16.10 17.11
CA THR A 276 -2.49 -17.25 16.73
C THR A 276 -2.48 -17.28 15.18
N ILE A 277 -2.15 -18.44 14.64
CA ILE A 277 -2.21 -18.63 13.14
C ILE A 277 -3.52 -19.23 12.70
N LEU A 278 -4.27 -18.49 11.88
CA LEU A 278 -5.63 -18.90 11.46
C LEU A 278 -5.61 -19.61 10.13
N GLY A 279 -4.47 -19.51 9.46
CA GLY A 279 -4.42 -20.22 8.17
C GLY A 279 -3.23 -19.72 7.43
N ARG A 280 -2.95 -20.41 6.34
CA ARG A 280 -1.81 -19.96 5.46
C ARG A 280 -2.05 -20.31 4.00
N PHE A 281 -1.87 -19.38 3.02
CA PHE A 281 -2.19 -19.58 1.64
C PHE A 281 -0.82 -19.72 0.99
N ASP A 282 -0.53 -20.96 0.59
CA ASP A 282 0.77 -21.18 -0.02
C ASP A 282 0.61 -21.04 -1.56
N TYR A 283 1.75 -20.79 -2.20
CA TYR A 283 1.78 -20.64 -3.64
C TYR A 283 3.22 -20.92 -4.08
N SER A 284 3.54 -20.68 -5.35
CA SER A 284 4.91 -21.09 -5.79
C SER A 284 5.68 -19.94 -6.40
N GLN A 285 6.99 -20.10 -6.45
CA GLN A 285 7.88 -19.20 -7.21
C GLN A 285 7.67 -17.72 -6.91
N CYS A 286 7.71 -17.37 -5.65
CA CYS A 286 7.61 -15.98 -5.29
C CYS A 286 8.57 -15.81 -4.13
N ASP A 287 9.85 -16.08 -4.35
CA ASP A 287 10.83 -15.98 -3.31
C ASP A 287 11.79 -14.76 -3.45
N ILE A 288 11.51 -13.85 -4.34
CA ILE A 288 12.20 -12.55 -4.39
C ILE A 288 11.41 -11.58 -3.52
N TRP A 289 12.06 -10.56 -2.96
CA TRP A 289 11.23 -9.67 -2.12
C TRP A 289 10.72 -8.40 -2.83
N TYR A 290 9.74 -7.75 -2.19
CA TYR A 290 8.95 -6.58 -2.70
C TYR A 290 7.96 -7.03 -3.75
N MET A 291 7.06 -7.92 -3.29
CA MET A 291 6.06 -8.54 -4.18
C MET A 291 4.78 -8.34 -3.41
N ARG A 292 3.86 -7.49 -3.93
CA ARG A 292 2.78 -7.09 -3.06
C ARG A 292 1.45 -7.64 -3.53
N PHE A 293 0.65 -8.11 -2.59
CA PHE A 293 -0.72 -8.54 -2.93
C PHE A 293 -1.69 -7.33 -2.77
N SER A 294 -2.91 -7.51 -3.32
CA SER A 294 -3.92 -6.45 -3.18
C SER A 294 -5.25 -7.12 -2.93
N MET A 295 -6.19 -6.38 -2.36
CA MET A 295 -7.58 -6.87 -2.21
C MET A 295 -8.58 -5.98 -2.96
N ASP A 296 -9.74 -6.49 -3.25
CA ASP A 296 -10.83 -5.68 -3.77
C ASP A 296 -11.36 -4.72 -2.65
N PHE A 297 -12.24 -3.82 -3.08
CA PHE A 297 -12.69 -2.75 -2.18
C PHE A 297 -13.43 -3.44 -0.94
N TRP A 298 -14.15 -4.49 -1.22
CA TRP A 298 -14.99 -5.14 -0.19
C TRP A 298 -14.22 -6.13 0.67
N GLN A 299 -12.96 -6.41 0.28
CA GLN A 299 -12.17 -7.48 0.91
C GLN A 299 -12.77 -8.89 0.80
N LYS A 300 -13.40 -9.13 -0.38
CA LYS A 300 -13.90 -10.47 -0.67
C LYS A 300 -12.78 -11.27 -1.33
N MET A 301 -11.75 -10.59 -1.87
CA MET A 301 -10.77 -11.35 -2.64
C MET A 301 -9.41 -10.76 -2.51
N LEU A 302 -8.42 -11.60 -2.85
CA LEU A 302 -7.01 -11.17 -2.67
C LEU A 302 -6.23 -11.71 -3.90
N ALA A 303 -5.35 -10.84 -4.51
CA ALA A 303 -4.55 -11.27 -5.62
C ALA A 303 -3.12 -11.07 -5.37
N LEU A 304 -2.30 -12.01 -5.86
CA LEU A 304 -0.85 -11.85 -5.75
C LEU A 304 -0.27 -12.42 -7.00
N GLY A 305 0.72 -11.72 -7.57
CA GLY A 305 1.43 -12.33 -8.71
C GLY A 305 2.75 -12.91 -8.23
N ASN A 306 3.29 -13.84 -9.00
CA ASN A 306 4.57 -14.37 -8.66
C ASN A 306 5.72 -13.98 -9.59
N GLN A 307 6.94 -14.55 -9.37
CA GLN A 307 8.09 -14.05 -10.12
C GLN A 307 8.19 -14.58 -11.57
N VAL A 308 7.30 -15.48 -12.00
CA VAL A 308 7.24 -15.97 -13.34
C VAL A 308 5.94 -15.62 -14.07
N GLY A 309 5.21 -14.63 -13.55
CA GLY A 309 4.04 -14.15 -14.22
C GLY A 309 2.68 -14.81 -14.01
N LYS A 310 2.59 -15.65 -12.98
CA LYS A 310 1.33 -16.31 -12.62
C LYS A 310 0.60 -15.46 -11.56
N LEU A 311 -0.72 -15.38 -11.68
CA LEU A 311 -1.56 -14.66 -10.70
C LEU A 311 -2.28 -15.70 -9.90
N TYR A 312 -2.33 -15.44 -8.59
CA TYR A 312 -3.12 -16.30 -7.71
C TYR A 312 -4.23 -15.37 -7.21
N VAL A 313 -5.45 -15.87 -7.15
CA VAL A 313 -6.54 -15.07 -6.58
C VAL A 313 -7.27 -15.90 -5.54
N TRP A 314 -7.43 -15.43 -4.30
CA TRP A 314 -8.09 -16.25 -3.30
C TRP A 314 -9.45 -15.54 -3.06
N ASP A 315 -10.50 -16.35 -3.05
CA ASP A 315 -11.87 -15.95 -2.58
C ASP A 315 -11.90 -16.11 -1.07
N LEU A 316 -12.04 -15.02 -0.33
CA LEU A 316 -12.11 -15.04 1.09
C LEU A 316 -13.54 -14.97 1.60
N GLU A 317 -14.53 -15.12 0.65
CA GLU A 317 -15.92 -15.10 1.05
C GLU A 317 -16.37 -16.53 1.54
N VAL A 318 -15.79 -16.93 2.67
CA VAL A 318 -15.97 -18.24 3.28
C VAL A 318 -15.95 -18.07 4.74
N GLU A 319 -16.35 -19.09 5.50
CA GLU A 319 -16.63 -18.81 6.90
C GLU A 319 -15.39 -18.62 7.77
N ASP A 320 -14.24 -19.20 7.39
CA ASP A 320 -13.01 -19.05 8.16
C ASP A 320 -11.87 -18.82 7.17
N PRO A 321 -10.79 -18.18 7.59
CA PRO A 321 -9.75 -17.76 6.61
C PRO A 321 -9.12 -18.99 5.96
N HIS A 322 -9.00 -20.10 6.69
CA HIS A 322 -8.27 -21.22 6.06
C HIS A 322 -9.11 -21.91 4.97
N LYS A 323 -10.40 -21.55 4.83
CA LYS A 323 -11.23 -22.15 3.78
C LYS A 323 -11.18 -21.36 2.51
N ALA A 324 -10.27 -20.39 2.40
CA ALA A 324 -10.18 -19.56 1.13
C ALA A 324 -10.00 -20.44 -0.09
N LYS A 325 -10.63 -20.05 -1.17
CA LYS A 325 -10.69 -20.83 -2.42
C LYS A 325 -9.74 -20.13 -3.41
N CYS A 326 -8.77 -20.84 -3.96
CA CYS A 326 -7.77 -20.25 -4.84
C CYS A 326 -8.04 -20.56 -6.32
N THR A 327 -7.84 -19.56 -7.17
CA THR A 327 -7.97 -19.65 -8.62
C THR A 327 -6.64 -19.14 -9.16
N THR A 328 -6.12 -19.66 -10.30
CA THR A 328 -4.91 -19.14 -10.85
C THR A 328 -5.14 -18.65 -12.25
N LEU A 329 -4.41 -17.62 -12.61
CA LEU A 329 -4.60 -16.98 -13.96
C LEU A 329 -3.23 -16.94 -14.62
N THR A 330 -3.13 -17.51 -15.81
CA THR A 330 -1.86 -17.51 -16.53
C THR A 330 -2.12 -17.16 -17.98
N HIS A 331 -1.08 -16.68 -18.58
CA HIS A 331 -1.06 -16.35 -20.02
C HIS A 331 0.32 -16.69 -20.55
N HIS A 332 0.36 -17.35 -21.71
CA HIS A 332 1.63 -17.84 -22.22
C HIS A 332 2.66 -16.74 -22.54
N LYS A 333 2.24 -15.48 -22.71
CA LYS A 333 3.18 -14.41 -22.99
C LYS A 333 3.53 -13.60 -21.72
N CYS A 334 2.92 -13.97 -20.55
CA CYS A 334 3.14 -13.15 -19.32
C CYS A 334 4.12 -14.02 -18.51
N GLY A 335 5.42 -13.73 -18.62
CA GLY A 335 6.41 -14.51 -17.87
C GLY A 335 7.31 -13.73 -16.98
N ALA A 336 7.09 -12.40 -16.82
CA ALA A 336 8.01 -11.62 -16.00
C ALA A 336 7.37 -11.52 -14.60
N ALA A 337 8.19 -11.10 -13.64
CA ALA A 337 7.71 -11.05 -12.23
C ALA A 337 6.65 -9.99 -12.13
N ILE A 338 5.55 -10.35 -11.48
CA ILE A 338 4.41 -9.40 -11.24
C ILE A 338 4.68 -8.77 -9.89
N ARG A 339 4.88 -7.44 -9.81
CA ARG A 339 5.23 -6.76 -8.53
C ARG A 339 4.03 -6.31 -7.72
N GLN A 340 2.93 -5.97 -8.39
CA GLN A 340 1.74 -5.58 -7.67
C GLN A 340 0.54 -5.75 -8.61
N THR A 341 -0.65 -5.97 -7.99
CA THR A 341 -1.91 -6.06 -8.70
C THR A 341 -2.84 -4.98 -8.16
N SER A 342 -3.90 -4.68 -8.87
CA SER A 342 -4.92 -3.74 -8.34
C SER A 342 -6.26 -4.18 -8.94
N PHE A 343 -7.31 -4.20 -8.12
CA PHE A 343 -8.67 -4.34 -8.65
C PHE A 343 -9.33 -3.01 -8.83
N SER A 344 -10.21 -2.90 -9.84
CA SER A 344 -11.07 -1.74 -9.94
C SER A 344 -12.10 -1.79 -8.76
N ARG A 345 -12.69 -0.64 -8.51
CA ARG A 345 -13.58 -0.54 -7.35
C ARG A 345 -14.82 -1.41 -7.44
N ASP A 346 -15.28 -1.65 -8.68
CA ASP A 346 -16.44 -2.49 -8.90
C ASP A 346 -16.06 -3.93 -9.06
N SER A 347 -14.74 -4.27 -8.91
CA SER A 347 -14.14 -5.56 -8.96
C SER A 347 -14.18 -6.27 -10.41
N SER A 348 -14.46 -5.48 -11.38
CA SER A 348 -14.61 -6.05 -12.75
C SER A 348 -13.35 -6.13 -13.55
N ILE A 349 -12.30 -5.43 -13.05
CA ILE A 349 -10.98 -5.46 -13.77
C ILE A 349 -9.87 -5.71 -12.74
N LEU A 350 -8.92 -6.55 -13.09
CA LEU A 350 -7.65 -6.75 -12.26
C LEU A 350 -6.51 -6.41 -13.16
N ILE A 351 -5.65 -5.48 -12.74
CA ILE A 351 -4.41 -5.19 -13.52
C ILE A 351 -3.24 -5.78 -12.75
N ALA A 352 -2.25 -6.30 -13.47
CA ALA A 352 -0.94 -6.75 -12.92
C ALA A 352 0.14 -6.01 -13.61
N VAL A 353 1.14 -5.60 -12.86
CA VAL A 353 2.31 -4.95 -13.48
C VAL A 353 3.58 -5.67 -13.17
N CYS A 354 4.56 -5.55 -14.09
CA CYS A 354 5.67 -6.49 -14.14
C CYS A 354 7.03 -5.85 -14.18
N ASP A 355 8.05 -6.66 -13.89
CA ASP A 355 9.44 -6.21 -13.92
C ASP A 355 10.02 -5.82 -15.30
N ASP A 356 9.36 -6.30 -16.34
CA ASP A 356 9.77 -5.92 -17.71
C ASP A 356 8.97 -4.73 -18.22
N ALA A 357 8.24 -4.01 -17.36
CA ALA A 357 7.43 -2.82 -17.66
C ALA A 357 6.16 -3.13 -18.41
N SER A 358 5.74 -4.39 -18.39
CA SER A 358 4.44 -4.77 -18.94
C SER A 358 3.29 -4.64 -17.94
N ILE A 359 2.12 -4.52 -18.53
CA ILE A 359 0.84 -4.27 -17.83
C ILE A 359 -0.10 -5.29 -18.39
N TRP A 360 -0.90 -5.95 -17.55
CA TRP A 360 -1.72 -7.03 -18.05
C TRP A 360 -3.10 -6.74 -17.50
N ARG A 361 -4.13 -6.84 -18.35
CA ARG A 361 -5.50 -6.50 -17.90
C ARG A 361 -6.38 -7.79 -17.94
N TRP A 362 -7.00 -8.10 -16.80
CA TRP A 362 -7.87 -9.30 -16.78
C TRP A 362 -9.26 -8.78 -16.42
N ASP A 363 -10.26 -9.20 -17.17
CA ASP A 363 -11.60 -8.71 -16.92
C ASP A 363 -12.48 -9.83 -16.42
N ARG A 364 -13.37 -9.51 -15.51
CA ARG A 364 -14.19 -10.57 -14.88
C ARG A 364 -15.24 -10.91 -15.89
N GLN B 6 15.41 -8.77 -7.26
CA GLN B 6 15.12 -9.68 -8.43
C GLN B 6 15.92 -11.00 -8.47
#